data_6PLD
#
_entry.id   6PLD
#
_cell.length_a   59.780
_cell.length_b   73.910
_cell.length_c   76.980
_cell.angle_alpha   90.00
_cell.angle_beta   90.00
_cell.angle_gamma   90.00
#
_symmetry.space_group_name_H-M   'P 21 21 21'
#
loop_
_entity.id
_entity.type
_entity.pdbx_description
1 polymer 'FAD-dependent catabolic D-arginine dehydrogenase DauA'
2 non-polymer '6-HYDROXY-FLAVIN-ADENINE DINUCLEOTIDE'
3 non-polymer DI(HYDROXYETHYL)ETHER
4 non-polymer GLYCEROL
5 water water
#
_entity_poly.entity_id   1
_entity_poly.type   'polypeptide(L)'
_entity_poly.pdbx_seq_one_letter_code
;MIEADYLVIGAGIAGASTGYWLSAHGRVVVLEREAQPGYHSTGRSAAHYTVAYGTPQVRALTAASRAFFDNPPAGFCEHP
LLSPRPEMVVDFSDDPEELRRQYESGKALVPQMRLLDAEQACSIVPVLRRDKVFGATYDPTGADIDTDALHQGYLRGIRR
NQGQVLCNHEALEIRRVDGAWEVRCDAGSYRAAVLVNAAGAWCDAIAGLAGVRPLGLQPKRRSAFIFAPPPGIDCHDWPM
LVSLDESFFLKPDAGMLLGSPANADPVEAHDVQPEQLDIATGMYLIEEATTLTIRRPEHTWAGLRSFVADGDLVAGYAAN
AEGFFWVAAQGGYGIQTSAAMGEASAALIRHQPLPAHLREHGLDEAMLSPRRLSP
;
_entity_poly.pdbx_strand_id   A
#
# COMPACT_ATOMS: atom_id res chain seq x y z
N MET A 1 -2.12 -11.61 31.71
N MET A 1 -2.24 -11.71 31.77
CA MET A 1 -1.29 -10.54 31.15
CA MET A 1 -1.40 -10.73 31.11
C MET A 1 -0.06 -11.12 30.45
C MET A 1 -0.23 -11.39 30.39
N ILE A 2 -0.06 -11.05 29.12
CA ILE A 2 1.04 -11.58 28.31
C ILE A 2 2.01 -10.43 28.05
N GLU A 3 3.30 -10.68 28.30
CA GLU A 3 4.34 -9.69 28.11
C GLU A 3 5.01 -9.88 26.76
N ALA A 4 5.33 -8.76 26.10
CA ALA A 4 6.09 -8.79 24.87
C ALA A 4 7.08 -7.63 24.88
N ASP A 5 8.02 -7.67 23.94
CA ASP A 5 8.89 -6.52 23.73
C ASP A 5 8.20 -5.48 22.86
N TYR A 6 7.44 -5.93 21.87
CA TYR A 6 6.77 -5.02 20.95
C TYR A 6 5.35 -5.51 20.79
N LEU A 7 4.38 -4.63 21.06
CA LEU A 7 2.96 -4.93 20.93
C LEU A 7 2.41 -4.14 19.75
N VAL A 8 1.98 -4.84 18.71
CA VAL A 8 1.56 -4.23 17.46
C VAL A 8 0.05 -4.34 17.35
N ILE A 9 -0.61 -3.21 17.08
CA ILE A 9 -2.06 -3.17 16.86
CA ILE A 9 -2.05 -3.21 16.86
C ILE A 9 -2.29 -3.12 15.36
N GLY A 10 -2.90 -4.16 14.82
CA GLY A 10 -3.23 -4.27 13.41
C GLY A 10 -2.33 -5.26 12.70
N ALA A 11 -2.93 -6.20 11.98
CA ALA A 11 -2.16 -7.23 11.29
C ALA A 11 -2.32 -7.12 9.78
N GLY A 12 -2.60 -5.93 9.28
CA GLY A 12 -2.54 -5.69 7.84
C GLY A 12 -1.10 -5.63 7.37
N ILE A 13 -0.85 -5.12 6.16
CA ILE A 13 0.51 -5.12 5.65
C ILE A 13 1.42 -4.27 6.53
N ALA A 14 0.89 -3.22 7.16
CA ALA A 14 1.74 -2.35 7.97
C ALA A 14 2.17 -3.06 9.25
N GLY A 15 1.23 -3.60 10.01
CA GLY A 15 1.63 -4.28 11.23
C GLY A 15 2.42 -5.55 10.96
N ALA A 16 2.07 -6.27 9.90
CA ALA A 16 2.77 -7.51 9.57
C ALA A 16 4.22 -7.24 9.17
N SER A 17 4.44 -6.25 8.31
N SER A 17 4.44 -6.25 8.31
CA SER A 17 5.81 -5.99 7.86
CA SER A 17 5.81 -5.99 7.85
C SER A 17 6.67 -5.47 9.00
C SER A 17 6.68 -5.45 8.98
N THR A 18 6.15 -4.51 9.77
CA THR A 18 6.88 -4.03 10.94
C THR A 18 7.15 -5.16 11.93
N GLY A 19 6.14 -5.97 12.22
CA GLY A 19 6.33 -7.07 13.14
C GLY A 19 7.37 -8.07 12.63
N TYR A 20 7.36 -8.31 11.32
CA TYR A 20 8.31 -9.27 10.73
C TYR A 20 9.74 -8.85 11.00
N TRP A 21 10.09 -7.59 10.71
CA TRP A 21 11.46 -7.16 10.99
C TRP A 21 11.73 -7.06 12.48
N LEU A 22 10.74 -6.66 13.29
CA LEU A 22 10.96 -6.63 14.73
C LEU A 22 11.21 -8.02 15.30
N SER A 23 10.59 -9.05 14.73
CA SER A 23 10.57 -10.37 15.36
C SER A 23 11.93 -11.03 15.42
N ALA A 24 12.90 -10.54 14.64
CA ALA A 24 14.26 -11.04 14.74
C ALA A 24 14.98 -10.54 15.98
N HIS A 25 14.41 -9.57 16.70
CA HIS A 25 15.10 -8.88 17.77
C HIS A 25 14.41 -8.95 19.12
N GLY A 26 13.16 -9.39 19.18
CA GLY A 26 12.44 -9.50 20.44
C GLY A 26 11.10 -10.14 20.20
N ARG A 27 10.36 -10.33 21.30
CA ARG A 27 9.05 -10.96 21.22
C ARG A 27 8.02 -9.97 20.71
N VAL A 28 7.39 -10.31 19.59
CA VAL A 28 6.36 -9.51 18.95
C VAL A 28 5.01 -10.16 19.22
N VAL A 29 4.04 -9.38 19.68
CA VAL A 29 2.66 -9.83 19.70
C VAL A 29 1.86 -8.85 18.87
N VAL A 30 1.14 -9.37 17.87
CA VAL A 30 0.28 -8.56 17.01
C VAL A 30 -1.17 -8.83 17.38
N LEU A 31 -1.94 -7.77 17.59
CA LEU A 31 -3.35 -7.88 17.93
C LEU A 31 -4.20 -7.40 16.75
N GLU A 32 -5.10 -8.25 16.28
CA GLU A 32 -5.92 -7.97 15.11
C GLU A 32 -7.40 -8.14 15.47
N ARG A 33 -8.20 -7.11 15.16
CA ARG A 33 -9.62 -7.08 15.51
C ARG A 33 -10.41 -8.15 14.78
N GLU A 34 -10.13 -8.36 13.49
CA GLU A 34 -10.95 -9.21 12.64
C GLU A 34 -10.54 -10.66 12.79
N ALA A 35 -11.35 -11.55 12.22
CA ALA A 35 -11.06 -12.97 12.25
C ALA A 35 -9.89 -13.34 11.35
N GLN A 36 -9.56 -12.50 10.38
CA GLN A 36 -8.46 -12.69 9.46
CA GLN A 36 -8.46 -12.69 9.46
C GLN A 36 -7.69 -11.39 9.31
N PRO A 37 -6.37 -11.48 9.06
CA PRO A 37 -5.52 -10.27 9.07
CA PRO A 37 -5.52 -10.27 9.07
C PRO A 37 -5.65 -9.36 7.86
N GLY A 38 -6.18 -9.84 6.75
CA GLY A 38 -6.21 -8.98 5.57
C GLY A 38 -7.61 -8.65 5.12
N TYR A 39 -8.51 -8.47 6.08
CA TYR A 39 -9.90 -8.21 5.72
C TYR A 39 -10.13 -6.79 5.24
N HIS A 40 -9.31 -5.83 5.67
CA HIS A 40 -9.52 -4.42 5.36
C HIS A 40 -8.61 -4.02 4.19
N SER A 41 -7.85 -2.93 4.26
CA SER A 41 -7.27 -2.41 3.03
C SER A 41 -6.30 -3.38 2.38
N THR A 42 -5.59 -4.18 3.18
CA THR A 42 -4.56 -5.05 2.63
C THR A 42 -5.15 -6.16 1.76
N GLY A 43 -6.43 -6.47 1.92
CA GLY A 43 -7.10 -7.43 1.07
C GLY A 43 -7.94 -6.82 -0.03
N ARG A 44 -7.80 -5.52 -0.28
CA ARG A 44 -8.69 -4.80 -1.17
C ARG A 44 -7.96 -3.98 -2.23
N SER A 45 -6.66 -4.16 -2.37
CA SER A 45 -5.87 -3.29 -3.24
C SER A 45 -5.84 -3.83 -4.67
N ALA A 46 -5.26 -3.01 -5.56
CA ALA A 46 -5.00 -3.45 -6.93
C ALA A 46 -3.71 -4.23 -7.04
N ALA A 47 -2.97 -4.35 -5.94
CA ALA A 47 -1.79 -5.19 -5.86
C ALA A 47 -0.77 -4.87 -6.95
N HIS A 48 -0.46 -3.58 -7.11
CA HIS A 48 0.51 -3.16 -8.12
C HIS A 48 1.69 -2.44 -7.48
N TYR A 49 2.83 -2.52 -8.19
CA TYR A 49 4.09 -1.92 -7.78
C TYR A 49 4.47 -0.92 -8.87
N THR A 50 4.44 0.37 -8.52
CA THR A 50 4.80 1.42 -9.46
CA THR A 50 4.74 1.46 -9.44
C THR A 50 5.67 2.44 -8.74
N VAL A 51 6.91 2.58 -9.22
CA VAL A 51 7.83 3.50 -8.56
C VAL A 51 7.41 4.94 -8.76
N ALA A 52 6.95 5.31 -9.95
CA ALA A 52 6.64 6.71 -10.26
C ALA A 52 5.19 7.04 -9.89
N TYR A 53 4.94 7.01 -8.58
CA TYR A 53 3.58 7.17 -8.04
C TYR A 53 3.69 7.69 -6.62
N GLY A 54 2.94 8.75 -6.31
CA GLY A 54 3.00 9.35 -4.98
C GLY A 54 4.04 10.45 -4.88
N THR A 55 4.25 10.91 -3.66
CA THR A 55 5.23 11.95 -3.34
C THR A 55 6.64 11.40 -3.46
N PRO A 56 7.67 12.27 -3.46
N PRO A 56 7.67 12.27 -3.45
CA PRO A 56 9.06 11.78 -3.48
CA PRO A 56 9.06 11.76 -3.50
C PRO A 56 9.40 10.79 -2.38
C PRO A 56 9.40 10.80 -2.38
N GLN A 57 8.87 11.00 -1.17
CA GLN A 57 9.11 10.05 -0.10
C GLN A 57 8.53 8.68 -0.45
N VAL A 58 7.31 8.66 -0.98
CA VAL A 58 6.68 7.41 -1.38
C VAL A 58 7.53 6.71 -2.44
N ARG A 59 8.01 7.46 -3.43
CA ARG A 59 8.76 6.84 -4.51
C ARG A 59 10.05 6.23 -4.00
N ALA A 60 10.69 6.87 -3.02
CA ALA A 60 11.91 6.33 -2.43
C ALA A 60 11.64 5.06 -1.64
N LEU A 61 10.56 5.03 -0.84
CA LEU A 61 10.21 3.82 -0.11
C LEU A 61 9.87 2.67 -1.06
N THR A 62 9.15 2.97 -2.14
CA THR A 62 8.83 1.94 -3.12
C THR A 62 10.10 1.40 -3.78
N ALA A 63 10.97 2.30 -4.25
CA ALA A 63 12.19 1.85 -4.90
C ALA A 63 13.05 1.04 -3.95
N ALA A 64 13.12 1.45 -2.69
CA ALA A 64 13.93 0.74 -1.71
C ALA A 64 13.37 -0.62 -1.34
N SER A 65 12.06 -0.85 -1.57
CA SER A 65 11.44 -2.13 -1.26
C SER A 65 11.71 -3.21 -2.30
N ARG A 66 12.15 -2.82 -3.50
CA ARG A 66 12.29 -3.81 -4.58
C ARG A 66 13.30 -4.89 -4.21
N ALA A 67 14.38 -4.52 -3.51
CA ALA A 67 15.43 -5.50 -3.20
C ALA A 67 14.87 -6.67 -2.41
N PHE A 68 14.05 -6.39 -1.39
CA PHE A 68 13.42 -7.46 -0.64
C PHE A 68 12.44 -8.26 -1.50
N PHE A 69 11.61 -7.56 -2.29
CA PHE A 69 10.59 -8.26 -3.06
C PHE A 69 11.23 -9.23 -4.05
N ASP A 70 12.37 -8.84 -4.64
CA ASP A 70 13.04 -9.69 -5.59
C ASP A 70 13.99 -10.70 -4.95
N ASN A 71 14.34 -10.54 -3.68
CA ASN A 71 15.29 -11.44 -3.02
C ASN A 71 14.94 -11.65 -1.55
N PRO A 72 13.77 -12.20 -1.24
CA PRO A 72 13.40 -12.42 0.15
C PRO A 72 14.21 -13.56 0.75
N PRO A 73 14.27 -13.64 2.07
CA PRO A 73 15.06 -14.71 2.70
C PRO A 73 14.51 -16.08 2.36
N ALA A 74 15.38 -17.09 2.43
CA ALA A 74 14.94 -18.45 2.19
C ALA A 74 13.80 -18.81 3.13
N GLY A 75 12.77 -19.47 2.58
CA GLY A 75 11.61 -19.87 3.34
C GLY A 75 10.51 -18.83 3.42
N PHE A 76 10.77 -17.59 3.01
CA PHE A 76 9.75 -16.55 3.10
C PHE A 76 8.55 -16.88 2.22
N CYS A 77 8.79 -17.34 1.00
CA CYS A 77 7.71 -17.64 0.07
C CYS A 77 8.16 -18.77 -0.86
N GLU A 78 7.19 -19.37 -1.55
CA GLU A 78 7.47 -20.48 -2.45
CA GLU A 78 7.43 -20.47 -2.46
C GLU A 78 7.62 -20.05 -3.90
N HIS A 79 7.05 -18.92 -4.30
CA HIS A 79 7.12 -18.39 -5.64
C HIS A 79 7.44 -16.91 -5.58
N PRO A 80 7.84 -16.30 -6.70
CA PRO A 80 8.21 -14.89 -6.67
C PRO A 80 7.08 -14.01 -6.16
N LEU A 81 7.46 -12.99 -5.38
CA LEU A 81 6.50 -12.03 -4.86
C LEU A 81 6.00 -11.07 -5.93
N LEU A 82 6.79 -10.85 -6.99
CA LEU A 82 6.42 -9.93 -8.04
C LEU A 82 6.25 -10.69 -9.36
N SER A 83 5.30 -10.22 -10.15
CA SER A 83 5.15 -10.68 -11.52
CA SER A 83 5.11 -10.68 -11.51
C SER A 83 5.18 -9.47 -12.43
N PRO A 84 5.72 -9.61 -13.64
CA PRO A 84 5.89 -8.42 -14.50
C PRO A 84 4.56 -7.82 -14.89
N ARG A 85 4.44 -6.51 -14.71
CA ARG A 85 3.26 -5.76 -15.15
C ARG A 85 3.65 -4.31 -15.37
N PRO A 86 4.23 -4.00 -16.53
CA PRO A 86 4.52 -2.60 -16.88
CA PRO A 86 4.54 -2.60 -16.85
C PRO A 86 3.32 -1.70 -16.68
N GLU A 87 3.56 -0.41 -16.49
CA GLU A 87 2.48 0.55 -16.34
C GLU A 87 2.52 1.51 -17.52
N MET A 88 1.37 1.72 -18.16
CA MET A 88 1.25 2.67 -19.25
C MET A 88 0.30 3.77 -18.83
N VAL A 89 0.79 5.01 -18.79
CA VAL A 89 -0.02 6.16 -18.41
C VAL A 89 -0.36 6.93 -19.67
N VAL A 90 -1.63 6.99 -20.01
CA VAL A 90 -2.07 7.47 -21.32
C VAL A 90 -2.68 8.87 -21.18
N ASP A 91 -2.25 9.77 -22.06
CA ASP A 91 -2.83 11.11 -22.15
C ASP A 91 -4.08 11.04 -23.02
N PHE A 92 -5.26 11.22 -22.40
CA PHE A 92 -6.52 11.21 -23.11
C PHE A 92 -7.08 12.59 -23.39
N SER A 93 -6.40 13.65 -22.95
CA SER A 93 -6.97 15.00 -23.04
C SER A 93 -6.10 15.98 -23.82
N ASP A 94 -5.02 15.52 -24.44
CA ASP A 94 -4.14 16.35 -25.26
C ASP A 94 -3.46 17.44 -24.41
N ASP A 95 -2.50 16.98 -23.61
CA ASP A 95 -1.80 17.81 -22.65
C ASP A 95 -0.31 17.46 -22.72
N PRO A 96 0.35 17.80 -23.84
CA PRO A 96 1.74 17.35 -24.01
C PRO A 96 2.69 17.91 -22.95
N GLU A 97 2.39 19.08 -22.38
CA GLU A 97 3.25 19.60 -21.33
CA GLU A 97 3.22 19.62 -21.33
C GLU A 97 3.19 18.75 -20.08
N GLU A 98 1.98 18.34 -19.67
CA GLU A 98 1.89 17.45 -18.52
C GLU A 98 2.47 16.07 -18.82
N LEU A 99 2.23 15.55 -20.03
CA LEU A 99 2.83 14.28 -20.40
C LEU A 99 4.36 14.37 -20.37
N ARG A 100 4.92 15.47 -20.87
CA ARG A 100 6.37 15.63 -20.81
C ARG A 100 6.86 15.69 -19.36
N ARG A 101 6.15 16.44 -18.50
CA ARG A 101 6.61 16.55 -17.12
C ARG A 101 6.58 15.21 -16.40
N GLN A 102 5.53 14.41 -16.63
CA GLN A 102 5.47 13.09 -16.01
C GLN A 102 6.55 12.16 -16.56
N TYR A 103 6.82 12.25 -17.86
CA TYR A 103 7.88 11.43 -18.43
C TYR A 103 9.22 11.77 -17.81
N GLU A 104 9.56 13.06 -17.74
CA GLU A 104 10.87 13.48 -17.24
CA GLU A 104 10.88 13.41 -17.27
C GLU A 104 11.03 13.16 -15.77
N SER A 105 9.97 13.37 -14.98
CA SER A 105 10.04 13.05 -13.56
CA SER A 105 10.08 13.05 -13.56
C SER A 105 10.15 11.54 -13.34
N GLY A 106 9.42 10.77 -14.12
CA GLY A 106 9.48 9.33 -13.96
C GLY A 106 10.82 8.76 -14.40
N LYS A 107 11.37 9.28 -15.51
CA LYS A 107 12.64 8.77 -16.00
C LYS A 107 13.77 9.05 -15.01
N ALA A 108 13.66 10.13 -14.22
CA ALA A 108 14.67 10.43 -13.22
C ALA A 108 14.78 9.32 -12.18
N LEU A 109 13.69 8.63 -11.86
CA LEU A 109 13.76 7.51 -10.94
C LEU A 109 13.77 6.15 -11.64
N VAL A 110 13.28 6.09 -12.87
CA VAL A 110 13.19 4.85 -13.64
C VAL A 110 13.86 5.08 -14.98
N PRO A 111 15.16 4.82 -15.08
CA PRO A 111 15.88 5.09 -16.35
C PRO A 111 15.26 4.46 -17.58
N GLN A 112 14.54 3.35 -17.45
CA GLN A 112 13.92 2.68 -18.57
C GLN A 112 12.57 3.26 -18.97
N MET A 113 12.08 4.27 -18.26
CA MET A 113 10.81 4.88 -18.65
CA MET A 113 10.81 4.90 -18.64
C MET A 113 10.88 5.39 -20.09
N ARG A 114 9.81 5.17 -20.82
CA ARG A 114 9.73 5.54 -22.23
C ARG A 114 8.56 6.48 -22.48
N LEU A 115 8.74 7.33 -23.49
CA LEU A 115 7.67 8.17 -24.02
C LEU A 115 7.15 7.51 -25.30
N LEU A 116 5.84 7.24 -25.33
CA LEU A 116 5.21 6.59 -26.46
C LEU A 116 4.38 7.59 -27.26
N ASP A 117 4.33 7.38 -28.57
CA ASP A 117 3.32 8.07 -29.34
C ASP A 117 1.99 7.30 -29.28
N ALA A 118 0.94 7.91 -29.83
CA ALA A 118 -0.39 7.32 -29.71
C ALA A 118 -0.45 5.96 -30.38
N GLU A 119 0.23 5.80 -31.53
CA GLU A 119 0.24 4.52 -32.22
CA GLU A 119 0.22 4.51 -32.21
C GLU A 119 0.89 3.44 -31.37
N GLN A 120 1.97 3.77 -30.68
CA GLN A 120 2.61 2.77 -29.83
C GLN A 120 1.71 2.36 -28.68
N ALA A 121 1.02 3.34 -28.09
CA ALA A 121 0.12 3.02 -26.98
C ALA A 121 -1.00 2.11 -27.43
N CYS A 122 -1.56 2.39 -28.62
CA CYS A 122 -2.65 1.57 -29.11
C CYS A 122 -2.19 0.19 -29.54
N SER A 123 -0.94 0.06 -29.97
CA SER A 123 -0.42 -1.28 -30.25
CA SER A 123 -0.41 -1.28 -30.24
C SER A 123 -0.37 -2.13 -28.98
N ILE A 124 -0.13 -1.50 -27.82
CA ILE A 124 0.01 -2.24 -26.58
C ILE A 124 -1.34 -2.59 -25.99
N VAL A 125 -2.30 -1.67 -26.01
CA VAL A 125 -3.67 -1.95 -25.57
C VAL A 125 -4.59 -1.60 -26.74
N PRO A 126 -4.93 -2.59 -27.56
CA PRO A 126 -5.63 -2.30 -28.83
CA PRO A 126 -5.62 -2.30 -28.83
C PRO A 126 -7.06 -1.84 -28.66
N VAL A 127 -7.65 -1.95 -27.45
CA VAL A 127 -9.00 -1.43 -27.29
C VAL A 127 -9.03 0.06 -27.00
N LEU A 128 -7.86 0.72 -26.89
CA LEU A 128 -7.87 2.16 -26.76
C LEU A 128 -8.54 2.81 -27.96
N ARG A 129 -9.33 3.85 -27.70
CA ARG A 129 -9.90 4.65 -28.79
C ARG A 129 -8.80 5.52 -29.37
N ARG A 130 -8.34 5.19 -30.59
CA ARG A 130 -7.16 5.86 -31.14
C ARG A 130 -7.35 7.37 -31.19
N ASP A 131 -8.55 7.82 -31.55
CA ASP A 131 -8.78 9.24 -31.69
C ASP A 131 -8.75 9.99 -30.37
N LYS A 132 -8.80 9.29 -29.23
CA LYS A 132 -8.75 9.91 -27.91
C LYS A 132 -7.39 9.80 -27.24
N VAL A 133 -6.39 9.27 -27.93
CA VAL A 133 -5.07 9.00 -27.35
C VAL A 133 -4.07 9.96 -27.95
N PHE A 134 -3.31 10.65 -27.09
CA PHE A 134 -2.36 11.64 -27.57
C PHE A 134 -0.93 11.32 -27.19
N GLY A 135 -0.68 10.17 -26.57
CA GLY A 135 0.66 9.80 -26.15
C GLY A 135 0.60 9.08 -24.82
N ALA A 136 1.74 8.62 -24.32
CA ALA A 136 1.73 7.84 -23.09
C ALA A 136 3.14 7.76 -22.54
N THR A 137 3.24 7.53 -21.23
CA THR A 137 4.50 7.06 -20.67
C THR A 137 4.40 5.56 -20.46
N TYR A 138 5.54 4.89 -20.45
CA TYR A 138 5.57 3.43 -20.32
C TYR A 138 6.72 3.06 -19.40
N ASP A 139 6.37 2.39 -18.29
CA ASP A 139 7.36 1.94 -17.31
CA ASP A 139 7.35 1.94 -17.30
C ASP A 139 7.51 0.43 -17.44
N PRO A 140 8.58 -0.05 -18.07
CA PRO A 140 8.76 -1.49 -18.25
C PRO A 140 9.06 -2.24 -16.97
N THR A 141 9.31 -1.54 -15.86
CA THR A 141 9.71 -2.17 -14.60
C THR A 141 8.54 -2.34 -13.62
N GLY A 142 7.32 -1.97 -14.00
CA GLY A 142 6.19 -2.17 -13.12
C GLY A 142 5.95 -3.64 -12.85
N ALA A 143 5.24 -3.92 -11.74
CA ALA A 143 5.03 -5.31 -11.35
C ALA A 143 3.72 -5.45 -10.60
N ASP A 144 3.13 -6.63 -10.68
CA ASP A 144 2.01 -7.00 -9.82
C ASP A 144 2.56 -7.69 -8.59
N ILE A 145 1.94 -7.44 -7.44
CA ILE A 145 2.39 -8.00 -6.17
C ILE A 145 1.47 -9.13 -5.77
N ASP A 146 2.06 -10.27 -5.39
CA ASP A 146 1.28 -11.37 -4.82
C ASP A 146 1.07 -11.03 -3.35
N THR A 147 0.03 -10.22 -3.09
CA THR A 147 -0.20 -9.68 -1.75
CA THR A 147 -0.18 -9.68 -1.75
C THR A 147 -0.46 -10.78 -0.73
N ASP A 148 -1.17 -11.85 -1.15
CA ASP A 148 -1.38 -12.97 -0.23
C ASP A 148 -0.06 -13.58 0.21
N ALA A 149 0.84 -13.85 -0.74
CA ALA A 149 2.12 -14.46 -0.41
C ALA A 149 2.98 -13.52 0.42
N LEU A 150 2.97 -12.22 0.08
CA LEU A 150 3.77 -11.28 0.84
C LEU A 150 3.25 -11.13 2.26
N HIS A 151 1.95 -10.90 2.39
CA HIS A 151 1.33 -10.69 3.70
C HIS A 151 1.53 -11.91 4.59
N GLN A 152 1.22 -13.09 4.06
CA GLN A 152 1.38 -14.32 4.83
C GLN A 152 2.84 -14.61 5.11
N GLY A 153 3.74 -14.23 4.19
CA GLY A 153 5.16 -14.37 4.48
C GLY A 153 5.57 -13.58 5.69
N TYR A 154 5.12 -12.32 5.79
CA TYR A 154 5.40 -11.53 6.97
C TYR A 154 4.83 -12.18 8.23
N LEU A 155 3.57 -12.60 8.17
CA LEU A 155 2.89 -13.14 9.34
C LEU A 155 3.50 -14.46 9.78
N ARG A 156 3.79 -15.36 8.83
CA ARG A 156 4.45 -16.61 9.18
CA ARG A 156 4.47 -16.61 9.17
C ARG A 156 5.84 -16.35 9.76
N GLY A 157 6.54 -15.32 9.24
CA GLY A 157 7.87 -15.02 9.75
C GLY A 157 7.84 -14.59 11.20
N ILE A 158 6.83 -13.83 11.59
CA ILE A 158 6.66 -13.47 13.00
C ILE A 158 6.50 -14.72 13.85
N ARG A 159 5.63 -15.64 13.41
CA ARG A 159 5.35 -16.83 14.20
C ARG A 159 6.56 -17.76 14.26
N ARG A 160 7.35 -17.83 13.19
CA ARG A 160 8.55 -18.65 13.21
C ARG A 160 9.63 -18.06 14.11
N ASN A 161 9.55 -16.76 14.42
CA ASN A 161 10.43 -16.10 15.38
C ASN A 161 9.81 -16.03 16.77
N GLN A 162 8.92 -16.96 17.09
CA GLN A 162 8.28 -17.07 18.40
C GLN A 162 7.41 -15.86 18.73
N GLY A 163 7.03 -15.08 17.72
CA GLY A 163 6.04 -14.05 17.92
C GLY A 163 4.65 -14.63 17.83
N GLN A 164 3.65 -13.79 18.10
CA GLN A 164 2.27 -14.21 18.05
C GLN A 164 1.46 -13.24 17.21
N VAL A 165 0.56 -13.77 16.41
CA VAL A 165 -0.40 -12.96 15.67
C VAL A 165 -1.78 -13.42 16.10
N LEU A 166 -2.49 -12.56 16.83
CA LEU A 166 -3.72 -12.96 17.51
C LEU A 166 -4.90 -12.27 16.83
N CYS A 167 -5.68 -13.04 16.07
CA CYS A 167 -6.89 -12.50 15.49
C CYS A 167 -8.05 -12.56 16.49
N ASN A 168 -9.15 -11.89 16.15
CA ASN A 168 -10.29 -11.73 17.05
C ASN A 168 -9.84 -11.16 18.40
N HIS A 169 -8.91 -10.20 18.33
CA HIS A 169 -8.33 -9.53 19.49
C HIS A 169 -8.36 -8.03 19.23
N GLU A 170 -9.55 -7.46 19.24
CA GLU A 170 -9.68 -6.01 19.13
C GLU A 170 -9.13 -5.34 20.38
N ALA A 171 -8.22 -4.41 20.19
CA ALA A 171 -7.76 -3.57 21.29
C ALA A 171 -8.88 -2.64 21.69
N LEU A 172 -9.32 -2.75 22.96
CA LEU A 172 -10.45 -1.97 23.46
C LEU A 172 -10.05 -0.90 24.46
N GLU A 173 -8.98 -1.13 25.23
CA GLU A 173 -8.48 -0.12 26.15
C GLU A 173 -6.96 -0.14 26.11
N ILE A 174 -6.37 1.04 26.22
CA ILE A 174 -4.93 1.19 26.15
C ILE A 174 -4.51 2.13 27.27
N ARG A 175 -3.51 1.74 28.04
CA ARG A 175 -3.12 2.55 29.19
C ARG A 175 -1.62 2.43 29.43
N ARG A 176 -1.00 3.56 29.74
CA ARG A 176 0.41 3.58 30.16
C ARG A 176 0.50 3.28 31.65
N VAL A 177 1.16 2.18 32.00
CA VAL A 177 1.21 1.70 33.39
C VAL A 177 2.63 1.26 33.69
N ASP A 178 3.24 1.88 34.70
CA ASP A 178 4.56 1.46 35.19
C ASP A 178 5.58 1.35 34.06
N GLY A 179 5.64 2.39 33.24
CA GLY A 179 6.65 2.44 32.19
C GLY A 179 6.44 1.47 31.05
N ALA A 180 5.22 1.00 30.83
CA ALA A 180 4.92 0.17 29.67
C ALA A 180 3.48 0.42 29.24
N TRP A 181 3.15 -0.02 28.04
CA TRP A 181 1.79 0.09 27.52
C TRP A 181 1.04 -1.22 27.78
N GLU A 182 -0.16 -1.12 28.33
CA GLU A 182 -1.01 -2.28 28.56
C GLU A 182 -2.25 -2.15 27.69
N VAL A 183 -2.57 -3.22 26.98
CA VAL A 183 -3.70 -3.23 26.06
C VAL A 183 -4.66 -4.32 26.50
N ARG A 184 -5.92 -3.95 26.70
CA ARG A 184 -6.94 -4.92 27.03
CA ARG A 184 -6.98 -4.88 27.05
C ARG A 184 -7.82 -5.18 25.83
N CYS A 185 -7.98 -6.45 25.51
CA CYS A 185 -8.91 -6.96 24.50
C CYS A 185 -9.99 -7.74 25.23
N ASP A 186 -11.05 -8.13 24.52
CA ASP A 186 -12.01 -9.00 25.20
C ASP A 186 -11.34 -10.30 25.64
N ALA A 187 -10.51 -10.87 24.78
N ALA A 187 -10.39 -10.82 24.87
CA ALA A 187 -9.80 -12.11 25.03
CA ALA A 187 -9.87 -12.17 25.08
C ALA A 187 -8.33 -11.78 25.34
C ALA A 187 -8.55 -12.23 25.84
N GLY A 188 -8.12 -11.15 26.48
CA GLY A 188 -6.82 -11.12 27.10
C GLY A 188 -6.27 -9.72 27.23
N SER A 189 -5.19 -9.63 28.01
CA SER A 189 -4.47 -8.38 28.25
CA SER A 189 -4.47 -8.37 28.26
C SER A 189 -3.00 -8.55 27.90
N TYR A 190 -2.40 -7.46 27.41
CA TYR A 190 -1.05 -7.51 26.85
C TYR A 190 -0.25 -6.31 27.32
N ARG A 191 1.05 -6.53 27.53
CA ARG A 191 1.95 -5.51 28.09
C ARG A 191 3.26 -5.47 27.29
N ALA A 192 3.70 -4.27 26.92
CA ALA A 192 4.98 -4.10 26.24
C ALA A 192 5.49 -2.68 26.39
N ALA A 193 6.83 -2.54 26.41
CA ALA A 193 7.46 -1.23 26.46
C ALA A 193 7.09 -0.37 25.26
N VAL A 194 6.90 -1.00 24.10
CA VAL A 194 6.63 -0.32 22.84
C VAL A 194 5.27 -0.75 22.33
N LEU A 195 4.43 0.24 22.04
CA LEU A 195 3.15 0.03 21.38
CA LEU A 195 3.16 0.03 21.39
C LEU A 195 3.27 0.53 19.96
N VAL A 196 3.10 -0.37 19.00
CA VAL A 196 3.19 -0.04 17.58
C VAL A 196 1.77 0.09 17.06
N ASN A 197 1.40 1.31 16.68
CA ASN A 197 0.08 1.59 16.17
C ASN A 197 0.09 1.44 14.65
N ALA A 198 -0.36 0.29 14.17
CA ALA A 198 -0.45 -0.01 12.74
C ALA A 198 -1.88 -0.36 12.36
N ALA A 199 -2.84 0.40 12.87
CA ALA A 199 -4.25 0.06 12.75
C ALA A 199 -4.90 0.61 11.50
N GLY A 200 -4.12 0.95 10.48
CA GLY A 200 -4.72 1.32 9.21
C GLY A 200 -5.53 2.60 9.32
N ALA A 201 -6.73 2.59 8.74
CA ALA A 201 -7.62 3.75 8.85
C ALA A 201 -8.00 4.07 10.30
N TRP A 202 -7.75 3.13 11.23
CA TRP A 202 -8.13 3.31 12.63
C TRP A 202 -6.99 3.82 13.50
N CYS A 203 -5.85 4.22 12.91
CA CYS A 203 -4.71 4.63 13.73
C CYS A 203 -5.07 5.76 14.70
N ASP A 204 -5.83 6.75 14.25
CA ASP A 204 -6.17 7.83 15.18
C ASP A 204 -7.15 7.35 16.24
N ALA A 205 -7.97 6.34 15.95
CA ALA A 205 -8.85 5.79 16.98
C ALA A 205 -8.03 5.12 18.07
N ILE A 206 -6.97 4.42 17.68
CA ILE A 206 -6.07 3.80 18.66
C ILE A 206 -5.41 4.86 19.53
N ALA A 207 -4.91 5.93 18.92
CA ALA A 207 -4.36 7.03 19.72
C ALA A 207 -5.42 7.58 20.67
N GLY A 208 -6.68 7.61 20.23
CA GLY A 208 -7.76 8.05 21.10
C GLY A 208 -7.88 7.22 22.36
N LEU A 209 -7.80 5.89 22.22
CA LEU A 209 -7.84 5.01 23.38
C LEU A 209 -6.68 5.28 24.32
N ALA A 210 -5.52 5.60 23.78
CA ALA A 210 -4.30 5.76 24.55
C ALA A 210 -4.13 7.14 25.16
N GLY A 211 -4.96 8.11 24.78
CA GLY A 211 -4.76 9.48 25.24
C GLY A 211 -3.63 10.18 24.55
N VAL A 212 -3.32 9.80 23.30
CA VAL A 212 -2.20 10.34 22.54
C VAL A 212 -2.76 11.20 21.42
N ARG A 213 -2.18 12.38 21.21
CA ARG A 213 -2.71 13.30 20.20
C ARG A 213 -2.65 12.65 18.82
N PRO A 214 -3.74 12.64 18.08
CA PRO A 214 -3.78 11.94 16.78
C PRO A 214 -3.06 12.74 15.70
N LEU A 215 -2.89 12.09 14.54
CA LEU A 215 -2.16 12.70 13.43
C LEU A 215 -3.04 13.46 12.47
N GLY A 216 -4.35 13.30 12.54
N GLY A 216 -4.36 13.27 12.52
CA GLY A 216 -5.20 13.86 11.51
CA GLY A 216 -5.25 13.85 11.54
C GLY A 216 -5.25 12.99 10.28
C GLY A 216 -5.53 12.98 10.34
N LEU A 217 -5.33 11.67 10.47
CA LEU A 217 -5.40 10.75 9.37
C LEU A 217 -6.77 10.81 8.70
N GLN A 218 -6.78 10.85 7.38
CA GLN A 218 -8.04 10.88 6.64
C GLN A 218 -8.20 9.63 5.80
N PRO A 219 -9.06 8.70 6.18
CA PRO A 219 -9.37 7.59 5.28
C PRO A 219 -10.15 8.07 4.06
N LYS A 220 -9.84 7.50 2.90
CA LYS A 220 -10.49 7.88 1.65
C LYS A 220 -10.91 6.63 0.90
N ARG A 221 -12.19 6.57 0.52
CA ARG A 221 -12.72 5.40 -0.16
C ARG A 221 -12.25 5.32 -1.60
N ARG A 222 -11.81 4.15 -2.02
CA ARG A 222 -11.59 3.84 -3.43
C ARG A 222 -12.30 2.54 -3.75
N SER A 223 -13.12 2.57 -4.80
CA SER A 223 -13.87 1.42 -5.24
C SER A 223 -13.20 0.81 -6.47
N ALA A 224 -13.43 -0.49 -6.66
CA ALA A 224 -12.91 -1.19 -7.82
C ALA A 224 -13.90 -2.28 -8.18
N PHE A 225 -13.69 -2.86 -9.36
CA PHE A 225 -14.60 -3.88 -9.83
C PHE A 225 -13.91 -4.75 -10.86
N ILE A 226 -14.41 -5.97 -11.02
CA ILE A 226 -13.95 -6.95 -11.98
CA ILE A 226 -13.92 -6.86 -12.05
C ILE A 226 -15.03 -7.12 -13.04
N PHE A 227 -14.65 -7.19 -14.30
CA PHE A 227 -15.62 -7.43 -15.37
C PHE A 227 -14.97 -8.29 -16.44
N ALA A 228 -15.85 -8.89 -17.26
CA ALA A 228 -15.38 -9.82 -18.28
C ALA A 228 -14.89 -9.07 -19.50
N PRO A 229 -13.80 -9.51 -20.10
CA PRO A 229 -13.39 -8.97 -21.40
C PRO A 229 -14.20 -9.61 -22.51
N PRO A 230 -14.24 -9.01 -23.69
CA PRO A 230 -14.93 -9.66 -24.81
C PRO A 230 -14.25 -10.96 -25.16
N PRO A 231 -15.02 -11.95 -25.61
CA PRO A 231 -14.45 -13.31 -25.75
C PRO A 231 -13.34 -13.43 -26.78
N GLY A 232 -13.28 -12.55 -27.78
CA GLY A 232 -12.28 -12.69 -28.81
C GLY A 232 -11.02 -11.88 -28.59
N ILE A 233 -10.79 -11.46 -27.35
CA ILE A 233 -9.72 -10.52 -27.02
C ILE A 233 -8.85 -11.13 -25.93
N ASP A 234 -7.56 -11.30 -26.22
CA ASP A 234 -6.60 -11.81 -25.22
C ASP A 234 -5.92 -10.60 -24.59
N CYS A 235 -6.35 -10.24 -23.39
CA CYS A 235 -5.83 -9.09 -22.67
C CYS A 235 -4.92 -9.49 -21.54
N HIS A 236 -4.57 -10.78 -21.42
CA HIS A 236 -3.85 -11.32 -20.28
CA HIS A 236 -3.92 -11.19 -20.20
C HIS A 236 -2.51 -10.63 -20.06
N ASP A 237 -1.87 -10.16 -21.13
CA ASP A 237 -0.53 -9.56 -21.03
C ASP A 237 -0.54 -8.03 -21.08
N TRP A 238 -1.70 -7.39 -21.07
CA TRP A 238 -1.76 -5.94 -21.11
C TRP A 238 -1.08 -5.34 -19.88
N PRO A 239 -0.48 -4.17 -20.02
CA PRO A 239 0.06 -3.45 -18.86
C PRO A 239 -1.07 -2.93 -18.00
N MET A 240 -0.71 -2.50 -16.81
N MET A 240 -0.70 -2.40 -16.84
CA MET A 240 -1.60 -1.61 -16.07
CA MET A 240 -1.66 -1.63 -16.04
C MET A 240 -1.79 -0.35 -16.89
C MET A 240 -1.82 -0.26 -16.67
N LEU A 241 -3.04 0.05 -17.08
CA LEU A 241 -3.39 1.27 -17.81
C LEU A 241 -3.96 2.30 -16.85
N VAL A 242 -3.42 3.52 -16.89
CA VAL A 242 -3.86 4.62 -16.06
C VAL A 242 -3.98 5.85 -16.94
N SER A 243 -4.99 6.68 -16.69
CA SER A 243 -5.05 7.94 -17.40
C SER A 243 -4.12 8.96 -16.75
N LEU A 244 -3.74 9.99 -17.54
CA LEU A 244 -2.72 10.94 -17.13
C LEU A 244 -3.10 11.70 -15.86
N ASP A 245 -4.39 11.92 -15.62
CA ASP A 245 -4.85 12.58 -14.41
C ASP A 245 -5.37 11.61 -13.36
N GLU A 246 -5.06 10.32 -13.49
CA GLU A 246 -5.54 9.27 -12.59
C GLU A 246 -7.07 9.29 -12.47
N SER A 247 -7.75 9.56 -13.59
CA SER A 247 -9.21 9.50 -13.58
C SER A 247 -9.72 8.07 -13.50
N PHE A 248 -8.95 7.10 -13.98
CA PHE A 248 -9.32 5.68 -13.88
C PHE A 248 -8.06 4.84 -14.07
N PHE A 249 -8.16 3.55 -13.72
CA PHE A 249 -7.17 2.60 -14.16
C PHE A 249 -7.84 1.29 -14.54
N LEU A 250 -7.10 0.47 -15.27
CA LEU A 250 -7.59 -0.79 -15.83
C LEU A 250 -6.41 -1.75 -15.92
N LYS A 251 -6.61 -2.98 -15.46
N LYS A 251 -6.59 -2.97 -15.43
CA LYS A 251 -5.51 -3.94 -15.40
CA LYS A 251 -5.50 -3.93 -15.51
C LYS A 251 -6.07 -5.35 -15.53
C LYS A 251 -6.06 -5.34 -15.56
N PRO A 252 -5.36 -6.25 -16.21
CA PRO A 252 -5.79 -7.66 -16.21
C PRO A 252 -5.66 -8.26 -14.83
N ASP A 253 -6.58 -9.17 -14.51
CA ASP A 253 -6.60 -9.81 -13.21
C ASP A 253 -7.35 -11.13 -13.36
N ALA A 254 -6.63 -12.25 -13.28
CA ALA A 254 -7.25 -13.57 -13.16
C ALA A 254 -8.22 -13.86 -14.31
N GLY A 255 -7.77 -13.62 -15.52
CA GLY A 255 -8.59 -13.83 -16.70
C GLY A 255 -9.68 -12.81 -16.90
N MET A 256 -9.77 -11.81 -16.03
CA MET A 256 -10.77 -10.77 -16.10
C MET A 256 -10.06 -9.43 -16.27
N LEU A 257 -10.83 -8.34 -16.23
CA LEU A 257 -10.29 -7.00 -16.17
C LEU A 257 -10.73 -6.35 -14.87
N LEU A 258 -9.78 -5.70 -14.19
CA LEU A 258 -10.03 -4.93 -12.98
C LEU A 258 -10.06 -3.45 -13.34
N GLY A 259 -11.17 -2.79 -13.04
CA GLY A 259 -11.29 -1.37 -13.30
C GLY A 259 -11.57 -0.56 -12.06
N SER A 260 -11.29 0.74 -12.11
CA SER A 260 -11.55 1.60 -10.97
C SER A 260 -11.64 3.04 -11.41
N PRO A 261 -12.53 3.84 -10.82
CA PRO A 261 -12.48 5.28 -11.03
C PRO A 261 -11.40 5.97 -10.22
N ALA A 262 -10.59 5.20 -9.49
CA ALA A 262 -9.46 5.74 -8.74
C ALA A 262 -9.89 6.89 -7.84
N ASN A 263 -11.02 6.69 -7.15
CA ASN A 263 -11.56 7.76 -6.32
C ASN A 263 -10.85 7.80 -4.96
N ALA A 264 -11.13 8.88 -4.22
CA ALA A 264 -10.50 9.16 -2.94
C ALA A 264 -11.47 10.03 -2.16
N ASP A 265 -12.61 9.44 -1.83
CA ASP A 265 -13.70 10.14 -1.15
C ASP A 265 -13.50 10.06 0.36
N PRO A 266 -13.30 11.18 1.04
CA PRO A 266 -13.03 11.12 2.49
C PRO A 266 -14.21 10.54 3.25
N VAL A 267 -13.91 9.58 4.13
CA VAL A 267 -14.92 8.88 4.91
C VAL A 267 -14.32 8.57 6.28
N GLU A 268 -15.19 8.19 7.20
CA GLU A 268 -14.74 7.69 8.49
C GLU A 268 -14.21 6.26 8.35
N ALA A 269 -13.34 5.87 9.27
CA ALA A 269 -12.88 4.49 9.33
C ALA A 269 -14.05 3.55 9.59
N HIS A 270 -14.27 2.60 8.68
CA HIS A 270 -15.33 1.61 8.81
C HIS A 270 -15.10 0.52 7.76
N ASP A 271 -15.93 -0.52 7.81
CA ASP A 271 -15.88 -1.62 6.85
C ASP A 271 -16.56 -1.12 5.57
N VAL A 272 -15.75 -0.56 4.68
CA VAL A 272 -16.30 0.30 3.64
C VAL A 272 -16.84 -0.55 2.49
N GLN A 273 -17.95 -0.12 1.93
CA GLN A 273 -18.62 -0.75 0.82
C GLN A 273 -18.52 0.12 -0.42
N PRO A 274 -18.56 -0.48 -1.62
CA PRO A 274 -18.55 0.34 -2.84
C PRO A 274 -19.86 1.12 -2.97
N GLU A 275 -19.76 2.32 -3.51
CA GLU A 275 -20.93 3.13 -3.81
C GLU A 275 -21.29 2.94 -5.28
N GLN A 276 -22.58 2.79 -5.57
CA GLN A 276 -23.00 2.60 -6.96
C GLN A 276 -22.46 3.68 -7.87
N LEU A 277 -22.42 4.92 -7.38
CA LEU A 277 -21.91 6.02 -8.20
C LEU A 277 -20.43 5.83 -8.52
N ASP A 278 -19.64 5.30 -7.56
CA ASP A 278 -18.24 5.02 -7.84
C ASP A 278 -18.12 4.07 -9.03
N ILE A 279 -18.87 2.98 -8.99
CA ILE A 279 -18.78 1.94 -10.01
C ILE A 279 -19.24 2.48 -11.36
N ALA A 280 -20.36 3.21 -11.37
CA ALA A 280 -20.85 3.75 -12.63
C ALA A 280 -19.86 4.73 -13.23
N THR A 281 -19.19 5.53 -12.39
CA THR A 281 -18.20 6.47 -12.89
C THR A 281 -17.00 5.75 -13.49
N GLY A 282 -16.52 4.69 -12.82
CA GLY A 282 -15.43 3.92 -13.38
C GLY A 282 -15.81 3.28 -14.71
N MET A 283 -17.04 2.74 -14.80
CA MET A 283 -17.48 2.14 -16.05
C MET A 283 -17.56 3.18 -17.16
N TYR A 284 -18.12 4.35 -16.87
CA TYR A 284 -18.23 5.39 -17.88
C TYR A 284 -16.87 5.81 -18.40
N LEU A 285 -15.91 6.04 -17.49
CA LEU A 285 -14.61 6.53 -17.90
C LEU A 285 -13.87 5.50 -18.74
N ILE A 286 -14.00 4.22 -18.40
CA ILE A 286 -13.32 3.19 -19.18
C ILE A 286 -13.96 3.07 -20.56
N GLU A 287 -15.28 3.13 -20.64
CA GLU A 287 -15.97 3.06 -21.93
C GLU A 287 -15.74 4.32 -22.75
N GLU A 288 -15.47 5.46 -22.09
CA GLU A 288 -15.13 6.67 -22.84
C GLU A 288 -13.76 6.55 -23.50
N ALA A 289 -12.81 5.88 -22.83
CA ALA A 289 -11.43 5.80 -23.30
C ALA A 289 -11.16 4.60 -24.20
N THR A 290 -12.00 3.56 -24.14
CA THR A 290 -11.76 2.31 -24.84
C THR A 290 -13.01 1.86 -25.55
N THR A 291 -12.85 0.84 -26.38
CA THR A 291 -13.98 0.22 -27.07
C THR A 291 -14.63 -0.89 -26.24
N LEU A 292 -14.23 -1.05 -24.98
CA LEU A 292 -14.79 -2.11 -24.14
C LEU A 292 -16.23 -1.80 -23.76
N THR A 293 -17.05 -2.85 -23.73
CA THR A 293 -18.40 -2.79 -23.18
C THR A 293 -18.39 -3.49 -21.84
N ILE A 294 -18.83 -2.80 -20.79
CA ILE A 294 -18.80 -3.33 -19.44
C ILE A 294 -20.23 -3.68 -19.06
N ARG A 295 -20.52 -4.98 -18.99
CA ARG A 295 -21.76 -5.42 -18.37
C ARG A 295 -21.66 -5.22 -16.86
N ARG A 296 -22.73 -5.51 -16.15
CA ARG A 296 -22.71 -5.37 -14.71
CA ARG A 296 -22.72 -5.39 -14.70
C ARG A 296 -21.52 -6.14 -14.13
N PRO A 297 -20.63 -5.48 -13.40
CA PRO A 297 -19.42 -6.17 -12.93
C PRO A 297 -19.75 -7.37 -12.07
N GLU A 298 -18.90 -8.40 -12.21
CA GLU A 298 -19.11 -9.65 -11.48
C GLU A 298 -18.80 -9.52 -10.01
N HIS A 299 -17.97 -8.56 -9.63
CA HIS A 299 -17.58 -8.38 -8.24
CA HIS A 299 -17.65 -8.36 -8.24
C HIS A 299 -17.19 -6.93 -8.09
N THR A 300 -17.66 -6.29 -7.02
CA THR A 300 -17.32 -4.91 -6.70
C THR A 300 -16.92 -4.84 -5.24
N TRP A 301 -16.07 -3.88 -4.92
CA TRP A 301 -15.65 -3.69 -3.54
C TRP A 301 -15.06 -2.30 -3.39
N ALA A 302 -14.78 -1.93 -2.14
CA ALA A 302 -14.09 -0.68 -1.88
C ALA A 302 -13.15 -0.90 -0.71
N GLY A 303 -12.08 -0.10 -0.65
CA GLY A 303 -11.19 -0.12 0.48
C GLY A 303 -10.80 1.31 0.87
N LEU A 304 -10.06 1.41 1.97
CA LEU A 304 -9.65 2.71 2.50
C LEU A 304 -8.17 2.97 2.24
N ARG A 305 -7.89 4.10 1.62
CA ARG A 305 -6.52 4.59 1.47
C ARG A 305 -6.43 5.82 2.37
N SER A 306 -5.55 5.78 3.37
CA SER A 306 -5.57 6.74 4.46
C SER A 306 -4.33 7.61 4.44
N PHE A 307 -4.54 8.93 4.49
CA PHE A 307 -3.48 9.90 4.26
C PHE A 307 -3.39 10.91 5.39
N VAL A 308 -2.18 11.42 5.64
CA VAL A 308 -2.05 12.65 6.40
C VAL A 308 -1.87 13.79 5.42
N ALA A 309 -1.74 15.02 5.95
CA ALA A 309 -1.86 16.22 5.13
C ALA A 309 -0.91 16.23 3.94
N ASP A 310 0.32 15.76 4.13
CA ASP A 310 1.33 15.93 3.08
C ASP A 310 1.42 14.74 2.13
N GLY A 311 0.62 13.70 2.32
CA GLY A 311 0.65 12.56 1.44
C GLY A 311 1.79 11.58 1.66
N ASP A 312 2.64 11.84 2.66
CA ASP A 312 3.77 10.97 2.97
C ASP A 312 3.38 9.96 4.05
N LEU A 313 4.08 8.83 4.05
CA LEU A 313 3.88 7.81 5.08
C LEU A 313 4.49 8.28 6.41
N VAL A 314 4.09 7.61 7.49
CA VAL A 314 4.49 7.99 8.84
C VAL A 314 5.07 6.76 9.53
N ALA A 315 6.31 6.88 10.01
CA ALA A 315 6.89 5.86 10.89
C ALA A 315 7.76 6.58 11.90
N GLY A 316 7.29 6.72 13.12
CA GLY A 316 8.13 7.34 14.13
C GLY A 316 7.42 7.36 15.48
N TYR A 317 8.22 7.63 16.50
CA TYR A 317 7.67 7.79 17.85
C TYR A 317 6.88 9.08 17.98
N ALA A 318 5.77 9.00 18.69
CA ALA A 318 4.98 10.18 18.99
C ALA A 318 5.76 11.14 19.87
N ALA A 319 5.55 12.44 19.67
CA ALA A 319 6.10 13.41 20.59
C ALA A 319 5.37 13.31 21.93
N ASN A 320 6.13 13.38 23.03
CA ASN A 320 5.55 13.43 24.38
C ASN A 320 4.70 12.21 24.74
N ALA A 321 4.89 11.07 24.06
CA ALA A 321 4.16 9.84 24.38
C ALA A 321 5.15 8.69 24.30
N GLU A 322 5.82 8.42 25.43
CA GLU A 322 6.92 7.45 25.45
CA GLU A 322 6.91 7.45 25.44
C GLU A 322 6.44 6.08 24.99
N GLY A 323 7.22 5.48 24.09
CA GLY A 323 6.98 4.12 23.63
C GLY A 323 5.85 3.95 22.63
N PHE A 324 5.21 5.02 22.19
CA PHE A 324 4.07 4.95 21.27
C PHE A 324 4.59 5.24 19.87
N PHE A 325 4.56 4.24 18.99
CA PHE A 325 5.18 4.35 17.68
C PHE A 325 4.11 4.26 16.59
N TRP A 326 4.07 5.26 15.71
CA TRP A 326 3.11 5.29 14.61
C TRP A 326 3.66 4.57 13.38
N VAL A 327 2.86 3.67 12.79
CA VAL A 327 3.14 3.13 11.46
C VAL A 327 1.88 3.36 10.65
N ALA A 328 1.80 4.50 9.96
CA ALA A 328 0.50 5.03 9.55
C ALA A 328 0.60 5.78 8.22
N ALA A 329 -0.57 6.13 7.70
CA ALA A 329 -0.69 6.98 6.51
C ALA A 329 -0.12 6.29 5.27
N GLN A 330 -0.39 4.99 5.15
CA GLN A 330 0.09 4.19 4.02
C GLN A 330 -0.52 4.64 2.70
N GLY A 331 -1.62 5.40 2.75
CA GLY A 331 -2.19 5.95 1.54
C GLY A 331 -2.52 4.88 0.52
N GLY A 332 -2.15 5.16 -0.73
CA GLY A 332 -2.39 4.20 -1.79
C GLY A 332 -1.17 3.34 -2.07
N TYR A 333 -0.29 3.18 -1.07
CA TYR A 333 1.07 2.70 -1.33
C TYR A 333 1.52 1.66 -0.31
N GLY A 334 0.63 1.14 0.51
CA GLY A 334 1.07 0.34 1.64
C GLY A 334 1.70 -0.98 1.26
N ILE A 335 1.22 -1.60 0.19
CA ILE A 335 1.82 -2.88 -0.23
C ILE A 335 3.20 -2.65 -0.83
N GLN A 336 3.28 -1.73 -1.81
CA GLN A 336 4.51 -1.57 -2.57
C GLN A 336 5.62 -0.94 -1.76
N THR A 337 5.30 -0.31 -0.63
CA THR A 337 6.31 0.26 0.27
C THR A 337 6.59 -0.62 1.48
N SER A 338 5.94 -1.78 1.58
CA SER A 338 5.92 -2.47 2.86
C SER A 338 7.27 -2.99 3.29
N ALA A 339 8.15 -3.39 2.35
CA ALA A 339 9.43 -3.93 2.79
C ALA A 339 10.31 -2.84 3.37
N ALA A 340 10.39 -1.69 2.71
CA ALA A 340 11.19 -0.60 3.25
C ALA A 340 10.58 -0.04 4.52
N MET A 341 9.25 0.08 4.56
CA MET A 341 8.59 0.59 5.75
C MET A 341 8.78 -0.35 6.92
N GLY A 342 8.64 -1.65 6.69
CA GLY A 342 8.83 -2.58 7.79
C GLY A 342 10.24 -2.57 8.33
N GLU A 343 11.23 -2.55 7.43
CA GLU A 343 12.62 -2.53 7.88
C GLU A 343 12.97 -1.18 8.53
N ALA A 344 12.52 -0.08 7.94
CA ALA A 344 12.81 1.23 8.50
C ALA A 344 12.12 1.41 9.85
N SER A 345 10.83 1.06 9.93
N SER A 345 10.83 1.06 9.93
CA SER A 345 10.12 1.24 11.20
CA SER A 345 10.11 1.22 11.19
C SER A 345 10.75 0.39 12.29
C SER A 345 10.74 0.38 12.29
N ALA A 346 11.15 -0.86 11.97
CA ALA A 346 11.77 -1.69 12.99
C ALA A 346 13.09 -1.09 13.48
N ALA A 347 13.88 -0.54 12.56
CA ALA A 347 15.12 0.13 12.99
C ALA A 347 14.81 1.30 13.90
N LEU A 348 13.88 2.16 13.47
CA LEU A 348 13.53 3.34 14.24
C LEU A 348 12.96 2.97 15.62
N ILE A 349 12.12 1.94 15.68
CA ILE A 349 11.57 1.49 16.96
C ILE A 349 12.69 1.12 17.91
N ARG A 350 13.72 0.46 17.38
CA ARG A 350 14.84 0.01 18.18
C ARG A 350 15.91 1.08 18.35
N HIS A 351 15.65 2.30 17.85
CA HIS A 351 16.58 3.42 17.98
CA HIS A 351 16.57 3.44 17.94
C HIS A 351 17.91 3.13 17.28
N GLN A 352 17.86 2.41 16.16
CA GLN A 352 19.01 2.08 15.36
C GLN A 352 19.02 2.90 14.08
N PRO A 353 20.18 3.13 13.49
CA PRO A 353 20.20 3.81 12.19
C PRO A 353 19.54 2.94 11.13
N LEU A 354 18.98 3.61 10.13
CA LEU A 354 18.42 2.88 9.00
C LEU A 354 19.52 2.11 8.29
N PRO A 355 19.24 0.90 7.82
CA PRO A 355 20.25 0.14 7.07
C PRO A 355 20.74 0.90 5.85
N ALA A 356 21.98 0.58 5.44
CA ALA A 356 22.67 1.31 4.39
C ALA A 356 21.87 1.35 3.09
N HIS A 357 21.31 0.20 2.68
CA HIS A 357 20.59 0.19 1.41
CA HIS A 357 20.58 0.17 1.42
C HIS A 357 19.39 1.14 1.45
N LEU A 358 18.78 1.33 2.61
CA LEU A 358 17.67 2.28 2.71
C LEU A 358 18.18 3.72 2.62
N ARG A 359 19.27 4.03 3.32
N ARG A 359 19.27 4.01 3.32
CA ARG A 359 19.82 5.38 3.23
CA ARG A 359 19.86 5.36 3.25
C ARG A 359 20.30 5.72 1.83
C ARG A 359 20.31 5.71 1.84
N GLU A 360 20.72 4.72 1.05
CA GLU A 360 21.15 4.97 -0.33
C GLU A 360 19.98 5.37 -1.23
N HIS A 361 18.74 5.15 -0.80
CA HIS A 361 17.58 5.60 -1.56
CA HIS A 361 17.58 5.59 -1.56
C HIS A 361 17.04 6.93 -1.06
N GLY A 362 17.83 7.64 -0.25
CA GLY A 362 17.43 8.95 0.23
C GLY A 362 16.54 8.93 1.44
N LEU A 363 16.32 7.76 2.05
N LEU A 363 16.41 7.78 2.11
CA LEU A 363 15.51 7.68 3.24
CA LEU A 363 15.51 7.60 3.25
C LEU A 363 16.29 8.15 4.45
C LEU A 363 16.22 7.93 4.56
N ASP A 364 15.57 8.75 5.40
CA ASP A 364 16.12 9.12 6.69
C ASP A 364 14.98 9.17 7.70
N GLU A 365 15.35 9.23 8.98
CA GLU A 365 14.38 9.25 10.06
C GLU A 365 13.45 10.47 9.96
N ALA A 366 13.98 11.60 9.49
CA ALA A 366 13.21 12.83 9.52
C ALA A 366 12.02 12.79 8.56
N MET A 367 12.20 12.22 7.36
CA MET A 367 11.11 12.26 6.41
CA MET A 367 11.11 12.26 6.41
C MET A 367 9.99 11.30 6.74
N LEU A 368 10.19 10.40 7.71
CA LEU A 368 9.15 9.48 8.16
C LEU A 368 8.45 9.93 9.43
N SER A 369 8.99 10.92 10.13
CA SER A 369 8.53 11.21 11.49
C SER A 369 7.13 11.83 11.50
N PRO A 370 6.28 11.47 12.47
CA PRO A 370 4.98 12.12 12.60
C PRO A 370 5.07 13.52 13.14
N ARG A 371 6.19 13.85 13.80
CA ARG A 371 6.30 15.15 14.43
C ARG A 371 6.47 16.27 13.40
N ARG A 372 6.76 15.91 12.14
CA ARG A 372 6.81 16.87 11.04
C ARG A 372 5.46 17.53 10.77
N LEU A 373 4.37 16.91 11.22
CA LEU A 373 3.03 17.41 10.95
C LEU A 373 2.79 18.60 11.86
N SER A 374 2.73 19.79 11.26
CA SER A 374 2.57 20.99 12.07
C SER A 374 1.15 21.52 11.93
N PRO A 375 0.49 21.79 13.06
CA PRO A 375 -0.91 22.12 13.22
C PRO A 375 -1.19 23.60 13.33
#